data_5Z5O
#
_entry.id   5Z5O
#
_cell.length_a   50.100
_cell.length_b   67.270
_cell.length_c   82.870
_cell.angle_alpha   90.000
_cell.angle_beta   91.830
_cell.angle_gamma   90.000
#
_symmetry.space_group_name_H-M   'P 1 21 1'
#
loop_
_entity.id
_entity.type
_entity.pdbx_description
1 polymer 'Cathepsin K'
2 polymer 'Cathepsin K'
3 non-polymer GLYCEROL
4 non-polymer 1,2-ETHANEDIOL
5 non-polymer 'SULFATE ION'
6 non-polymer DI(HYDROXYETHYL)ETHER
7 non-polymer 'CHLORIDE ION'
8 non-polymer 'SODIUM ION'
9 non-polymer (4S)-2-METHYL-2,4-PENTANEDIOL
10 water water
#
loop_
_entity_poly.entity_id
_entity_poly.type
_entity_poly.pdbx_seq_one_letter_code
_entity_poly.pdbx_strand_id
1 'polypeptide(L)'
;MGSSHHHHHHSSGLVPRGSHMLYPEEILDTHWELWKKTHRKQYNNKVDEISRRLIWEKNLKYISIHNLEASLGVHTYELA
MNHLGDMT(SEB)EEVVQKMTGLKVPLSHSRSNDTLYIPEWEGRAPDSVDYRKKGYVTPVKNQGQCGSSWAFSSVGALEG
QLKKKTGKLLNLSPQNLVDCVSENDGCGGGYMTNAFQYVQKNRGIDSEDAYPYVGQEESCMYNPTGKAAKCRGYREIPEG
NEKALKRAVARVGPVSVATDASLTSFQFYSKGVYYDESCNSDNLNHAVLAVGYGIQKGNKHWIIKNSWGENWGNKGYILM
ARNKNNACGIANLASFPKM
;
A
2 'polypeptide(L)'
;MGSSHHHHHHSSGLVPRGSHMLYPEEILDTHWELWKKTHRKQYNNKVDEISRRLIWEKNLKYISIHNLEASLGVHTYELA
MNHLGDMTSEEVVQ
;
B
#
loop_
_chem_comp.id
_chem_comp.type
_chem_comp.name
_chem_comp.formula
CL non-polymer 'CHLORIDE ION' 'Cl -1'
EDO non-polymer 1,2-ETHANEDIOL 'C2 H6 O2'
GOL non-polymer GLYCEROL 'C3 H8 O3'
MPD non-polymer (4S)-2-METHYL-2,4-PENTANEDIOL 'C6 H14 O2'
NA non-polymer 'SODIUM ION' 'Na 1'
PEG non-polymer DI(HYDROXYETHYL)ETHER 'C4 H10 O3'
SO4 non-polymer 'SULFATE ION' 'O4 S -2'
#
# COMPACT_ATOMS: atom_id res chain seq x y z
N LEU A 22 -10.40 -27.06 -8.86
CA LEU A 22 -9.34 -26.30 -8.12
C LEU A 22 -8.94 -26.98 -6.82
N TYR A 23 -7.87 -27.78 -6.87
CA TYR A 23 -7.15 -28.25 -5.69
C TYR A 23 -5.89 -27.40 -5.49
N PRO A 24 -5.33 -27.36 -4.29
CA PRO A 24 -4.01 -26.74 -4.13
C PRO A 24 -2.96 -27.48 -4.95
N GLU A 25 -1.86 -26.77 -5.19
CA GLU A 25 -0.72 -27.28 -5.93
C GLU A 25 0.28 -27.84 -4.90
N GLU A 26 0.49 -29.14 -4.95
CA GLU A 26 1.31 -29.81 -3.93
C GLU A 26 2.72 -29.27 -3.88
N ILE A 27 3.25 -28.80 -5.02
CA ILE A 27 4.61 -28.26 -5.06
C ILE A 27 4.77 -27.08 -4.12
N LEU A 28 3.68 -26.42 -3.75
CA LEU A 28 3.75 -25.28 -2.85
C LEU A 28 3.53 -25.66 -1.39
N ASP A 29 3.34 -26.94 -1.08
CA ASP A 29 2.94 -27.32 0.27
C ASP A 29 3.91 -26.77 1.31
N THR A 30 5.21 -26.89 1.07
CA THR A 30 6.21 -26.45 2.03
C THR A 30 6.23 -24.93 2.15
N HIS A 31 6.03 -24.23 1.04
CA HIS A 31 5.94 -22.78 1.04
C HIS A 31 4.71 -22.28 1.78
N TRP A 32 3.59 -23.02 1.68
CA TRP A 32 2.39 -22.64 2.44
C TRP A 32 2.66 -22.74 3.93
N GLU A 33 3.30 -23.83 4.35
CA GLU A 33 3.61 -24.02 5.77
C GLU A 33 4.50 -22.92 6.26
N LEU A 34 5.53 -22.57 5.48
CA LEU A 34 6.43 -21.50 5.86
C LEU A 34 5.71 -20.17 5.91
N TRP A 35 4.88 -19.88 4.89
CA TRP A 35 4.09 -18.64 4.90
C TRP A 35 3.23 -18.53 6.16
N LYS A 36 2.49 -19.61 6.51
CA LYS A 36 1.68 -19.58 7.73
C LYS A 36 2.54 -19.27 8.95
N LYS A 37 3.68 -19.94 9.08
CA LYS A 37 4.53 -19.74 10.26
C LYS A 37 5.08 -18.31 10.31
N THR A 38 5.53 -17.78 9.19
CA THR A 38 6.17 -16.47 9.28
C THR A 38 5.14 -15.40 9.61
N HIS A 39 3.90 -15.56 9.18
CA HIS A 39 2.90 -14.53 9.42
C HIS A 39 1.95 -14.87 10.57
N ARG A 40 2.28 -15.87 11.39
CA ARG A 40 1.47 -16.26 12.56
C ARG A 40 0.02 -16.50 12.17
N LYS A 41 -0.18 -17.26 11.09
CA LYS A 41 -1.54 -17.52 10.62
C LYS A 41 -2.06 -18.81 11.28
N GLN A 42 -3.29 -18.76 11.77
CA GLN A 42 -3.98 -19.95 12.27
C GLN A 42 -5.37 -20.06 11.66
N TYR A 43 -5.85 -21.28 11.53
CA TYR A 43 -7.15 -21.52 10.93
C TYR A 43 -8.00 -22.41 11.83
N ASN A 44 -9.29 -22.11 11.85
CA ASN A 44 -10.22 -22.84 12.74
C ASN A 44 -10.38 -24.31 12.36
N ASN A 45 -10.24 -24.63 11.08
CA ASN A 45 -10.49 -26.00 10.64
C ASN A 45 -9.92 -26.15 9.25
N LYS A 46 -9.72 -27.42 8.87
CA LYS A 46 -9.10 -27.79 7.61
C LYS A 46 -9.83 -27.19 6.42
N VAL A 47 -11.15 -27.08 6.50
CA VAL A 47 -11.89 -26.53 5.36
C VAL A 47 -11.57 -25.05 5.17
N ASP A 48 -11.54 -24.29 6.28
CA ASP A 48 -11.10 -22.89 6.19
C ASP A 48 -9.67 -22.81 5.71
N GLU A 49 -8.79 -23.67 6.24
CA GLU A 49 -7.40 -23.58 5.82
C GLU A 49 -7.26 -23.78 4.33
N ILE A 50 -8.02 -24.73 3.78
CA ILE A 50 -7.95 -25.04 2.35
C ILE A 50 -8.47 -23.87 1.53
N SER A 51 -9.62 -23.33 1.92
CA SER A 51 -10.17 -22.17 1.24
C SER A 51 -9.18 -21.00 1.26
N ARG A 52 -8.49 -20.79 2.38
CA ARG A 52 -7.54 -19.70 2.47
C ARG A 52 -6.31 -19.97 1.60
N ARG A 53 -5.89 -21.24 1.54
CA ARG A 53 -4.78 -21.63 0.67
C ARG A 53 -5.10 -21.37 -0.79
N LEU A 54 -6.32 -21.65 -1.22
CA LEU A 54 -6.66 -21.41 -2.61
C LEU A 54 -6.71 -19.91 -2.91
N ILE A 55 -7.17 -19.08 -1.97
CA ILE A 55 -7.13 -17.64 -2.18
C ILE A 55 -5.69 -17.20 -2.35
N TRP A 56 -4.81 -17.74 -1.51
CA TRP A 56 -3.40 -17.44 -1.56
C TRP A 56 -2.77 -17.87 -2.89
N GLU A 57 -3.14 -19.07 -3.38
CA GLU A 57 -2.57 -19.51 -4.66
C GLU A 57 -3.06 -18.65 -5.81
N LYS A 58 -4.32 -18.22 -5.78
CA LYS A 58 -4.82 -17.32 -6.81
C LYS A 58 -4.12 -15.97 -6.73
N ASN A 59 -3.94 -15.42 -5.53
CA ASN A 59 -3.19 -14.18 -5.41
C ASN A 59 -1.77 -14.36 -5.92
N LEU A 60 -1.13 -15.49 -5.64
CA LEU A 60 0.22 -15.71 -6.11
C LEU A 60 0.27 -15.72 -7.64
N LYS A 61 -0.70 -16.37 -8.29
CA LYS A 61 -0.69 -16.41 -9.75
C LYS A 61 -0.89 -15.02 -10.34
N TYR A 62 -1.76 -14.22 -9.72
CA TYR A 62 -1.97 -12.83 -10.13
C TYR A 62 -0.67 -12.04 -10.02
N ILE A 63 0.04 -12.20 -8.90
CA ILE A 63 1.31 -11.52 -8.66
C ILE A 63 2.32 -11.91 -9.74
N SER A 64 2.36 -13.20 -10.09
CA SER A 64 3.29 -13.67 -11.10
C SER A 64 3.00 -13.03 -12.46
N ILE A 65 1.74 -13.11 -12.90
CA ILE A 65 1.43 -12.59 -14.23
C ILE A 65 1.65 -11.09 -14.27
N HIS A 66 1.21 -10.38 -13.22
CA HIS A 66 1.39 -8.93 -13.18
C HIS A 66 2.87 -8.57 -13.28
N ASN A 67 3.73 -9.29 -12.58
CA ASN A 67 5.14 -8.96 -12.66
C ASN A 67 5.72 -9.27 -14.04
N LEU A 68 5.23 -10.32 -14.70
CA LEU A 68 5.60 -10.56 -16.09
C LEU A 68 5.20 -9.37 -16.96
N GLU A 69 3.97 -8.89 -16.79
CA GLU A 69 3.55 -7.70 -17.54
C GLU A 69 4.45 -6.52 -17.23
N ALA A 70 4.87 -6.39 -15.96
CA ALA A 70 5.74 -5.28 -15.59
C ALA A 70 7.10 -5.41 -16.27
N SER A 71 7.62 -6.65 -16.37
CA SER A 71 8.92 -6.85 -17.01
C SER A 71 8.87 -6.49 -18.47
N LEU A 72 7.66 -6.36 -19.01
CA LEU A 72 7.43 -5.99 -20.39
C LEU A 72 7.00 -4.54 -20.54
N GLY A 73 7.05 -3.75 -19.48
CA GLY A 73 6.76 -2.33 -19.57
C GLY A 73 5.30 -2.00 -19.45
N VAL A 74 4.47 -2.96 -19.09
CA VAL A 74 3.04 -2.69 -18.98
C VAL A 74 2.75 -1.87 -17.73
N HIS A 75 3.54 -2.04 -16.66
CA HIS A 75 3.33 -1.37 -15.38
C HIS A 75 4.64 -0.77 -14.87
N THR A 76 4.53 0.25 -14.03
CA THR A 76 5.70 0.90 -13.45
C THR A 76 6.00 0.40 -12.04
N TYR A 77 5.42 -0.72 -11.64
CA TYR A 77 5.63 -1.20 -10.29
C TYR A 77 5.52 -2.72 -10.26
N GLU A 78 6.09 -3.32 -9.19
CA GLU A 78 6.12 -4.74 -8.93
C GLU A 78 5.17 -5.09 -7.78
N LEU A 79 4.71 -6.34 -7.76
CA LEU A 79 3.95 -6.90 -6.65
C LEU A 79 4.81 -7.97 -5.97
N ALA A 80 4.41 -8.32 -4.74
CA ALA A 80 5.03 -9.41 -3.98
C ALA A 80 4.04 -9.96 -2.97
N MET A 81 4.14 -11.26 -2.69
CA MET A 81 3.34 -11.86 -1.63
C MET A 81 3.68 -11.19 -0.30
N ASN A 82 2.71 -11.19 0.61
CA ASN A 82 2.86 -10.57 1.92
C ASN A 82 1.83 -11.20 2.84
N HIS A 83 1.69 -10.63 4.03
CA HIS A 83 0.84 -11.23 5.08
C HIS A 83 -0.63 -11.16 4.76
N LEU A 84 -1.01 -10.39 3.75
CA LEU A 84 -2.38 -10.34 3.29
C LEU A 84 -2.71 -11.40 2.23
N GLY A 85 -1.81 -12.35 1.98
CA GLY A 85 -1.94 -13.22 0.82
C GLY A 85 -3.16 -14.14 0.81
N ASP A 86 -3.71 -14.46 2.00
CA ASP A 86 -4.85 -15.38 2.03
C ASP A 86 -6.18 -14.64 2.07
N MET A 87 -6.17 -13.35 1.78
CA MET A 87 -7.37 -12.53 1.80
C MET A 87 -7.71 -12.05 0.39
N THR A 88 -8.99 -11.83 0.15
CA THR A 88 -9.40 -11.13 -1.05
C THR A 88 -9.26 -9.64 -0.85
C SEB A 89 -10.37 -6.84 -1.23
N SEB A 89 -9.33 -8.93 -1.96
CI2 SEB A 89 -8.56 -7.65 -10.12
CH2 SEB A 89 -8.63 -8.17 -8.83
CJ SEB A 89 -8.94 -6.33 -10.35
CI1 SEB A 89 -9.40 -5.54 -9.30
CH1 SEB A 89 -9.47 -6.05 -8.02
CZ SEB A 89 -9.10 -7.38 -7.79
CE SEB A 89 -9.14 -7.92 -6.42
OD2 SEB A 89 -11.63 -7.65 -6.21
OD1 SEB A 89 -10.57 -9.42 -4.98
SD SEB A 89 -10.54 -8.16 -5.54
OG SEB A 89 -10.27 -7.14 -4.19
CB SEB A 89 -9.09 -6.92 -3.43
CA SEB A 89 -9.19 -7.50 -1.97
O SEB A 89 -10.24 -5.82 -0.52
N GLU A 90 -11.56 -7.41 -1.40
CA GLU A 90 -12.77 -6.86 -0.80
C GLU A 90 -12.67 -7.04 0.71
N GLU A 91 -12.15 -8.19 1.10
CA GLU A 91 -11.96 -8.48 2.52
C GLU A 91 -10.98 -7.51 3.15
N VAL A 92 -9.88 -7.19 2.47
CA VAL A 92 -8.93 -6.20 2.98
C VAL A 92 -9.62 -4.86 3.21
N VAL A 93 -10.37 -4.39 2.21
CA VAL A 93 -11.06 -3.10 2.38
C VAL A 93 -12.01 -3.18 3.57
N GLN A 94 -12.77 -4.26 3.65
CA GLN A 94 -13.77 -4.40 4.70
C GLN A 94 -13.14 -4.40 6.10
N LYS A 95 -12.00 -5.06 6.26
CA LYS A 95 -11.44 -5.26 7.59
C LYS A 95 -10.31 -4.32 7.99
N MET A 96 -9.60 -3.68 7.06
CA MET A 96 -8.35 -2.99 7.43
C MET A 96 -8.17 -1.69 6.68
N THR A 97 -9.25 -0.96 6.43
CA THR A 97 -9.05 0.39 5.94
C THR A 97 -9.66 1.33 6.96
N GLY A 98 -10.83 1.89 6.66
CA GLY A 98 -11.55 2.64 7.64
C GLY A 98 -11.84 4.09 7.33
N LEU A 99 -11.61 4.53 6.09
CA LEU A 99 -11.91 5.92 5.77
C LEU A 99 -13.39 6.01 5.41
N LYS A 100 -14.12 6.89 6.08
CA LYS A 100 -15.47 7.26 5.69
C LYS A 100 -15.48 8.71 5.20
N VAL A 101 -16.00 8.92 4.00
CA VAL A 101 -15.95 10.24 3.36
C VAL A 101 -17.05 11.14 3.93
N PRO A 102 -16.75 12.40 4.24
CA PRO A 102 -17.75 13.27 4.88
C PRO A 102 -19.01 13.45 4.05
N SER A 106 -19.13 20.81 2.96
CA SER A 106 -18.61 21.13 4.28
C SER A 106 -17.26 21.84 4.20
N ARG A 107 -16.94 22.37 3.01
CA ARG A 107 -15.63 22.97 2.74
C ARG A 107 -15.76 24.49 2.76
N SER A 108 -15.24 25.11 3.82
CA SER A 108 -15.39 26.54 3.98
C SER A 108 -14.03 27.24 4.00
N ASN A 109 -14.10 28.55 3.78
CA ASN A 109 -12.89 29.37 3.74
C ASN A 109 -12.04 29.23 4.98
N ASP A 110 -12.63 29.06 6.15
CA ASP A 110 -11.80 29.05 7.34
C ASP A 110 -10.97 27.77 7.52
N THR A 111 -11.20 26.72 6.72
CA THR A 111 -10.34 25.55 6.76
C THR A 111 -9.56 25.38 5.45
N LEU A 112 -9.66 26.34 4.55
CA LEU A 112 -9.05 26.22 3.24
C LEU A 112 -7.55 26.54 3.28
N TYR A 113 -6.73 25.62 2.81
CA TYR A 113 -5.31 25.88 2.66
C TYR A 113 -5.08 26.82 1.50
N ILE A 114 -4.36 27.91 1.77
CA ILE A 114 -3.99 28.92 0.76
C ILE A 114 -2.47 28.97 0.66
N PRO A 115 -1.88 28.38 -0.38
CA PRO A 115 -0.42 28.42 -0.51
C PRO A 115 0.11 29.84 -0.65
N GLU A 116 1.44 29.97 -0.57
CA GLU A 116 2.15 31.23 -0.73
C GLU A 116 3.16 31.06 -1.85
N TRP A 117 2.68 31.21 -3.08
CA TRP A 117 3.47 30.91 -4.27
C TRP A 117 4.65 31.87 -4.44
N ARG A 120 9.12 28.78 -4.95
CA ARG A 120 9.62 27.60 -5.66
C ARG A 120 9.82 26.41 -4.71
N ALA A 121 8.87 25.46 -4.74
CA ALA A 121 9.02 24.23 -3.97
C ALA A 121 10.17 23.38 -4.52
N PRO A 122 10.83 22.60 -3.68
CA PRO A 122 11.89 21.72 -4.18
C PRO A 122 11.33 20.68 -5.15
N ASP A 123 12.21 20.18 -6.00
CA ASP A 123 11.83 19.13 -6.94
C ASP A 123 11.40 17.86 -6.23
N SER A 124 12.00 17.57 -5.09
CA SER A 124 11.68 16.38 -4.31
C SER A 124 11.80 16.72 -2.82
N VAL A 125 10.96 16.06 -2.03
CA VAL A 125 10.95 16.18 -0.57
C VAL A 125 10.80 14.79 0.01
N ASP A 126 11.50 14.49 1.10
CA ASP A 126 11.32 13.20 1.76
C ASP A 126 11.51 13.43 3.26
N TYR A 127 10.39 13.63 4.00
CA TYR A 127 10.45 13.94 5.42
C TYR A 127 10.97 12.76 6.24
N ARG A 128 10.97 11.54 5.68
CA ARG A 128 11.59 10.43 6.38
C ARG A 128 13.04 10.74 6.68
N LYS A 129 13.73 11.34 5.71
CA LYS A 129 15.16 11.58 5.82
C LYS A 129 15.47 12.76 6.69
N LYS A 130 14.48 13.63 6.94
CA LYS A 130 14.61 14.76 7.85
C LYS A 130 14.23 14.42 9.28
N GLY A 131 13.77 13.20 9.55
CA GLY A 131 13.46 12.80 10.90
C GLY A 131 12.10 13.24 11.37
N TYR A 132 11.17 13.45 10.45
CA TYR A 132 9.81 13.85 10.75
C TYR A 132 8.81 12.69 10.74
N VAL A 133 9.23 11.45 10.50
CA VAL A 133 8.30 10.34 10.26
C VAL A 133 8.68 9.23 11.22
N THR A 134 7.73 8.78 12.04
CA THR A 134 7.94 7.69 12.97
C THR A 134 7.91 6.36 12.22
N PRO A 135 8.28 5.26 12.88
CA PRO A 135 8.14 3.94 12.28
C PRO A 135 6.75 3.64 11.74
N VAL A 136 6.73 2.74 10.76
CA VAL A 136 5.49 2.29 10.15
C VAL A 136 4.76 1.45 11.18
N LYS A 137 3.45 1.65 11.29
CA LYS A 137 2.61 0.97 12.26
C LYS A 137 1.71 -0.06 11.58
N ASN A 138 1.04 -0.91 12.37
CA ASN A 138 0.12 -1.90 11.83
C ASN A 138 -1.23 -1.79 12.53
N GLN A 139 -2.25 -1.30 11.79
CA GLN A 139 -3.57 -1.11 12.35
C GLN A 139 -4.30 -2.42 12.63
N GLY A 140 -3.87 -3.53 12.03
CA GLY A 140 -4.57 -4.80 12.21
C GLY A 140 -5.95 -4.75 11.60
N GLN A 141 -6.85 -5.60 12.12
CA GLN A 141 -8.22 -5.71 11.59
C GLN A 141 -9.15 -4.80 12.39
N CYS A 142 -8.96 -3.51 12.15
CA CYS A 142 -9.71 -2.42 12.75
C CYS A 142 -9.75 -1.35 11.69
N GLY A 143 -10.92 -0.78 11.42
CA GLY A 143 -11.06 0.30 10.46
C GLY A 143 -10.59 1.65 10.97
N SER A 144 -9.30 1.72 11.34
CA SER A 144 -8.74 2.87 12.02
C SER A 144 -7.66 3.60 11.22
N SER A 145 -7.59 3.40 9.89
CA SER A 145 -6.55 4.08 9.12
C SER A 145 -6.72 5.59 9.19
N TRP A 146 -7.94 6.07 9.41
CA TRP A 146 -8.15 7.51 9.61
C TRP A 146 -7.36 8.01 10.82
N ALA A 147 -7.27 7.19 11.86
CA ALA A 147 -6.55 7.59 13.06
C ALA A 147 -5.04 7.54 12.86
N PHE A 148 -4.54 6.49 12.20
CA PHE A 148 -3.11 6.42 11.87
C PHE A 148 -2.69 7.55 10.95
N SER A 149 -3.51 7.85 9.94
CA SER A 149 -3.22 9.00 9.08
C SER A 149 -3.15 10.31 9.85
N SER A 150 -4.14 10.56 10.71
CA SER A 150 -4.13 11.78 11.52
C SER A 150 -2.89 11.84 12.39
N VAL A 151 -2.61 10.74 13.06
CA VAL A 151 -1.48 10.72 13.97
C VAL A 151 -0.18 11.03 13.23
N GLY A 152 0.07 10.40 12.08
CA GLY A 152 1.28 10.71 11.33
C GLY A 152 1.46 12.20 11.02
N ALA A 153 0.38 12.86 10.56
CA ALA A 153 0.46 14.29 10.31
C ALA A 153 0.74 15.06 11.59
N LEU A 154 0.13 14.65 12.70
CA LEU A 154 0.38 15.34 13.96
C LEU A 154 1.81 15.13 14.45
N GLU A 155 2.34 13.95 14.19
CA GLU A 155 3.72 13.65 14.56
C GLU A 155 4.68 14.54 13.79
N GLY A 156 4.40 14.78 12.51
CA GLY A 156 5.23 15.69 11.73
C GLY A 156 5.25 17.10 12.29
N GLN A 157 4.05 17.63 12.62
CA GLN A 157 3.97 19.01 13.12
C GLN A 157 4.61 19.12 14.49
N LEU A 158 4.45 18.09 15.33
CA LEU A 158 5.12 18.13 16.63
C LEU A 158 6.64 18.19 16.46
N LYS A 159 7.19 17.40 15.54
CA LYS A 159 8.61 17.48 15.23
C LYS A 159 8.99 18.87 14.75
N LYS A 160 8.19 19.45 13.86
CA LYS A 160 8.49 20.78 13.32
CA LYS A 160 8.49 20.77 13.33
C LYS A 160 8.53 21.82 14.43
N LYS A 161 7.67 21.70 15.43
CA LYS A 161 7.60 22.75 16.45
C LYS A 161 8.53 22.54 17.63
N THR A 162 8.96 21.32 17.91
CA THR A 162 9.72 21.02 19.12
C THR A 162 11.09 20.40 18.87
N GLY A 163 11.34 19.89 17.67
CA GLY A 163 12.53 19.10 17.44
C GLY A 163 12.46 17.65 17.90
N LYS A 164 11.36 17.20 18.46
CA LYS A 164 11.26 15.85 18.99
C LYS A 164 10.27 15.05 18.15
N LEU A 165 10.67 13.85 17.77
CA LEU A 165 9.84 12.88 17.10
C LEU A 165 9.31 11.90 18.15
N LEU A 166 8.00 11.76 18.24
CA LEU A 166 7.43 10.79 19.16
CA LEU A 166 7.41 10.81 19.17
C LEU A 166 6.25 10.10 18.50
N ASN A 167 6.08 8.82 18.82
CA ASN A 167 4.87 8.12 18.40
C ASN A 167 3.71 8.69 19.21
N LEU A 168 2.69 9.18 18.50
CA LEU A 168 1.45 9.62 19.12
C LEU A 168 0.39 8.51 19.00
N SER A 169 -0.76 8.74 19.67
CA SER A 169 -1.70 7.66 20.02
C SER A 169 -2.88 7.62 19.06
N PRO A 170 -2.95 6.64 18.16
CA PRO A 170 -4.18 6.47 17.40
C PRO A 170 -5.32 5.97 18.26
N GLN A 171 -5.02 5.20 19.30
CA GLN A 171 -6.07 4.67 20.15
C GLN A 171 -6.83 5.79 20.83
N ASN A 172 -6.12 6.88 21.17
CA ASN A 172 -6.74 8.07 21.78
C ASN A 172 -7.83 8.58 20.86
N LEU A 173 -7.58 8.55 19.56
CA LEU A 173 -8.56 9.05 18.61
C LEU A 173 -9.69 8.02 18.40
N VAL A 174 -9.35 6.75 18.16
CA VAL A 174 -10.36 5.71 17.96
C VAL A 174 -11.38 5.76 19.12
N ASP A 175 -10.90 5.85 20.34
CA ASP A 175 -11.78 5.74 21.51
C ASP A 175 -12.56 7.03 21.76
N CYS A 176 -11.99 8.20 21.38
CA CYS A 176 -12.48 9.46 21.92
C CYS A 176 -13.06 10.43 20.89
N VAL A 177 -12.88 10.18 19.59
CA VAL A 177 -13.43 11.06 18.55
C VAL A 177 -14.85 10.53 18.30
N SER A 178 -15.80 11.13 19.00
CA SER A 178 -17.15 10.60 18.99
C SER A 178 -17.85 10.87 17.67
N GLU A 179 -17.39 11.86 16.91
CA GLU A 179 -17.93 12.11 15.58
C GLU A 179 -17.45 11.09 14.56
N ASN A 180 -16.45 10.27 14.91
CA ASN A 180 -16.04 9.14 14.08
C ASN A 180 -16.61 7.86 14.67
N ASP A 181 -16.35 6.73 14.04
CA ASP A 181 -16.98 5.48 14.45
C ASP A 181 -15.96 4.42 14.89
N GLY A 182 -14.83 4.84 15.43
CA GLY A 182 -13.89 3.88 16.01
C GLY A 182 -13.29 2.96 14.96
N CYS A 183 -13.39 1.64 15.20
CA CYS A 183 -12.94 0.65 14.22
C CYS A 183 -13.90 0.50 13.05
N GLY A 184 -15.05 1.14 13.09
CA GLY A 184 -15.89 1.16 11.92
C GLY A 184 -15.68 2.33 10.99
N GLY A 185 -14.64 3.12 11.19
CA GLY A 185 -14.27 4.16 10.24
C GLY A 185 -14.43 5.58 10.80
N GLY A 186 -13.96 6.53 9.99
CA GLY A 186 -13.93 7.94 10.35
C GLY A 186 -13.17 8.74 9.31
N TYR A 187 -12.99 10.04 9.59
CA TYR A 187 -12.15 10.86 8.72
C TYR A 187 -11.26 11.77 9.55
N MET A 188 -10.22 12.32 8.90
CA MET A 188 -9.10 12.95 9.59
C MET A 188 -9.44 14.33 10.17
N THR A 189 -10.24 15.15 9.49
CA THR A 189 -10.50 16.48 10.00
C THR A 189 -11.30 16.43 11.30
N ASN A 190 -12.19 15.44 11.44
CA ASN A 190 -12.87 15.22 12.72
C ASN A 190 -11.86 14.96 13.82
N ALA A 191 -10.83 14.19 13.49
CA ALA A 191 -9.76 13.87 14.44
C ALA A 191 -8.99 15.14 14.82
N PHE A 192 -8.64 15.94 13.80
CA PHE A 192 -7.87 17.17 14.05
C PHE A 192 -8.69 18.11 14.93
N GLN A 193 -9.99 18.19 14.66
CA GLN A 193 -10.87 19.05 15.44
C GLN A 193 -10.92 18.59 16.90
N TYR A 194 -10.93 17.26 17.10
CA TYR A 194 -10.90 16.71 18.46
C TYR A 194 -9.64 17.16 19.19
N VAL A 195 -8.50 17.08 18.51
CA VAL A 195 -7.23 17.40 19.14
C VAL A 195 -7.16 18.87 19.47
N GLN A 196 -7.69 19.72 18.59
CA GLN A 196 -7.78 21.14 18.86
C GLN A 196 -8.64 21.38 20.10
N LYS A 197 -9.81 20.74 20.18
CA LYS A 197 -10.73 20.99 21.31
C LYS A 197 -10.12 20.52 22.63
N ASN A 198 -9.38 19.44 22.57
CA ASN A 198 -8.72 18.76 23.68
C ASN A 198 -7.37 19.35 24.01
N ARG A 199 -6.91 20.30 23.20
CA ARG A 199 -5.59 20.93 23.37
C ARG A 199 -4.44 19.91 23.35
N GLY A 200 -4.57 18.89 22.49
CA GLY A 200 -3.49 17.93 22.33
C GLY A 200 -3.98 16.49 22.15
N ILE A 201 -3.00 15.59 22.19
CA ILE A 201 -3.20 14.16 21.98
C ILE A 201 -2.15 13.44 22.82
N ASP A 202 -2.47 12.23 23.29
CA ASP A 202 -1.49 11.49 24.08
C ASP A 202 -0.40 10.88 23.18
N SER A 203 0.72 10.55 23.81
CA SER A 203 1.73 9.73 23.12
C SER A 203 1.25 8.29 23.07
N GLU A 204 1.87 7.50 22.18
CA GLU A 204 1.50 6.10 22.08
C GLU A 204 1.86 5.37 23.35
N ASP A 205 2.97 5.75 23.97
CA ASP A 205 3.37 5.12 25.23
C ASP A 205 2.32 5.33 26.32
N ALA A 206 1.71 6.51 26.37
CA ALA A 206 0.77 6.79 27.44
C ALA A 206 -0.60 6.17 27.16
N TYR A 207 -0.89 5.89 25.90
CA TYR A 207 -2.24 5.50 25.48
C TYR A 207 -2.09 4.53 24.30
N PRO A 208 -1.75 3.26 24.57
CA PRO A 208 -1.28 2.34 23.52
C PRO A 208 -2.39 1.79 22.65
N TYR A 209 -2.01 1.32 21.46
CA TYR A 209 -2.98 0.80 20.48
C TYR A 209 -3.39 -0.63 20.80
N VAL A 210 -4.69 -0.90 20.76
CA VAL A 210 -5.20 -2.26 21.02
CA VAL A 210 -5.20 -2.26 21.01
C VAL A 210 -5.97 -2.83 19.84
N GLY A 211 -6.33 -2.03 18.85
CA GLY A 211 -6.98 -2.57 17.65
C GLY A 211 -8.44 -2.90 17.85
N GLN A 212 -9.08 -2.31 18.85
CA GLN A 212 -10.52 -2.41 19.00
C GLN A 212 -10.96 -1.20 19.83
N GLU A 213 -12.20 -0.80 19.65
CA GLU A 213 -12.67 0.41 20.32
C GLU A 213 -12.94 0.10 21.78
N GLU A 214 -12.57 1.02 22.64
CA GLU A 214 -12.86 0.91 24.06
C GLU A 214 -13.44 2.23 24.52
N SER A 215 -13.74 2.32 25.82
CA SER A 215 -14.22 3.58 26.34
C SER A 215 -13.06 4.56 26.38
N CYS A 216 -13.36 5.81 26.03
CA CYS A 216 -12.34 6.87 26.11
C CYS A 216 -11.78 6.98 27.52
N MET A 217 -10.46 7.11 27.61
CA MET A 217 -9.78 7.22 28.88
C MET A 217 -10.14 8.50 29.59
N TYR A 218 -10.65 9.47 28.85
CA TYR A 218 -10.80 10.83 29.32
C TYR A 218 -12.25 11.27 29.22
N ASN A 219 -12.51 12.36 29.90
CA ASN A 219 -13.69 13.22 29.91
C ASN A 219 -14.34 13.42 28.56
N PRO A 220 -15.65 13.54 28.51
CA PRO A 220 -16.30 13.95 27.26
C PRO A 220 -15.74 15.28 26.77
N THR A 221 -15.69 15.42 25.45
CA THR A 221 -14.98 16.52 24.82
C THR A 221 -15.65 17.85 25.13
N GLY A 222 -14.87 18.79 25.66
CA GLY A 222 -15.37 20.08 26.06
C GLY A 222 -15.27 21.11 24.93
N LYS A 223 -15.60 22.35 25.29
CA LYS A 223 -15.60 23.46 24.34
C LYS A 223 -16.59 23.20 23.21
N ALA A 224 -16.92 24.26 22.47
CA ALA A 224 -17.71 24.14 21.25
C ALA A 224 -16.85 24.39 20.02
N ALA A 225 -15.54 24.19 20.14
CA ALA A 225 -14.58 24.47 19.08
C ALA A 225 -14.43 25.97 18.85
N LYS A 226 -13.37 26.56 19.39
CA LYS A 226 -13.06 27.95 19.06
C LYS A 226 -12.50 28.07 17.65
N CYS A 227 -11.69 27.09 17.23
CA CYS A 227 -11.07 27.11 15.92
C CYS A 227 -11.16 25.71 15.32
N ARG A 228 -11.06 25.64 13.99
CA ARG A 228 -11.24 24.35 13.34
C ARG A 228 -10.10 23.41 13.68
N GLY A 229 -8.85 23.87 13.60
CA GLY A 229 -7.69 23.06 13.92
C GLY A 229 -7.00 22.38 12.74
N TYR A 230 -7.36 22.71 11.51
CA TYR A 230 -6.83 21.98 10.36
C TYR A 230 -7.10 22.84 9.14
N ARG A 231 -6.39 22.51 8.05
CA ARG A 231 -6.65 23.12 6.77
C ARG A 231 -6.77 22.00 5.73
N GLU A 232 -7.54 22.24 4.68
CA GLU A 232 -7.79 21.26 3.61
C GLU A 232 -7.19 21.74 2.28
N ILE A 233 -6.56 20.84 1.57
CA ILE A 233 -6.04 21.10 0.22
C ILE A 233 -7.22 21.25 -0.73
N PRO A 234 -7.26 22.24 -1.60
CA PRO A 234 -8.34 22.29 -2.58
C PRO A 234 -8.46 20.94 -3.29
N GLU A 235 -9.71 20.45 -3.42
CA GLU A 235 -9.98 19.10 -3.90
C GLU A 235 -9.37 18.81 -5.27
N GLY A 236 -8.60 17.74 -5.35
CA GLY A 236 -8.09 17.27 -6.63
C GLY A 236 -6.88 18.03 -7.12
N ASN A 237 -6.38 19.00 -6.35
CA ASN A 237 -5.28 19.87 -6.77
C ASN A 237 -3.93 19.30 -6.33
N GLU A 238 -3.26 18.55 -7.22
CA GLU A 238 -1.96 17.96 -6.86
C GLU A 238 -0.87 18.99 -6.69
N LYS A 239 -0.97 20.13 -7.37
CA LYS A 239 0.07 21.15 -7.22
C LYS A 239 -0.04 21.83 -5.86
N ALA A 240 -1.27 22.06 -5.41
CA ALA A 240 -1.46 22.57 -4.05
C ALA A 240 -1.02 21.55 -3.00
N LEU A 241 -1.26 20.27 -3.26
CA LEU A 241 -0.80 19.24 -2.33
C LEU A 241 0.71 19.21 -2.25
N LYS A 242 1.39 19.37 -3.40
CA LYS A 242 2.85 19.40 -3.39
C LYS A 242 3.33 20.59 -2.59
N ARG A 243 2.74 21.75 -2.85
CA ARG A 243 3.11 22.95 -2.10
C ARG A 243 2.90 22.74 -0.61
N ALA A 244 1.81 22.07 -0.23
CA ALA A 244 1.54 21.92 1.20
C ALA A 244 2.54 20.95 1.82
N VAL A 245 2.91 19.89 1.09
CA VAL A 245 3.90 18.94 1.63
C VAL A 245 5.24 19.64 1.81
N ALA A 246 5.61 20.47 0.82
CA ALA A 246 6.90 21.17 0.89
C ALA A 246 6.92 22.19 2.02
N ARG A 247 5.81 22.89 2.22
CA ARG A 247 5.78 24.02 3.14
C ARG A 247 5.43 23.62 4.58
N VAL A 248 4.50 22.70 4.75
CA VAL A 248 3.92 22.36 6.08
C VAL A 248 4.57 21.13 6.70
N GLY A 249 4.71 20.07 5.92
CA GLY A 249 5.17 18.80 6.42
C GLY A 249 4.29 17.69 5.89
N PRO A 250 4.37 16.52 6.49
CA PRO A 250 3.47 15.42 6.09
C PRO A 250 2.00 15.81 6.15
N VAL A 251 1.27 15.34 5.17
CA VAL A 251 -0.13 15.66 4.92
C VAL A 251 -0.96 14.38 4.89
N SER A 252 -2.07 14.39 5.62
CA SER A 252 -3.03 13.30 5.60
C SER A 252 -3.77 13.29 4.26
N VAL A 253 -3.87 12.10 3.66
CA VAL A 253 -4.52 11.92 2.39
C VAL A 253 -5.35 10.63 2.41
N ALA A 254 -6.25 10.54 1.44
CA ALA A 254 -7.10 9.38 1.23
C ALA A 254 -6.85 8.78 -0.14
N THR A 255 -7.11 7.48 -0.26
CA THR A 255 -6.99 6.75 -1.51
C THR A 255 -8.03 5.65 -1.62
N ASP A 256 -8.15 5.13 -2.86
CA ASP A 256 -8.84 3.89 -3.16
C ASP A 256 -7.82 2.77 -3.00
N ALA A 257 -8.02 1.93 -2.00
CA ALA A 257 -7.11 0.83 -1.72
C ALA A 257 -7.78 -0.52 -1.98
N SER A 258 -8.79 -0.52 -2.84
CA SER A 258 -9.60 -1.71 -3.05
C SER A 258 -9.02 -2.68 -4.09
N LEU A 259 -7.93 -2.34 -4.77
CA LEU A 259 -7.41 -3.21 -5.83
C LEU A 259 -6.38 -4.22 -5.31
N THR A 260 -6.36 -5.40 -5.94
CA THR A 260 -5.34 -6.40 -5.59
C THR A 260 -3.95 -5.87 -5.88
N SER A 261 -3.80 -5.09 -6.94
CA SER A 261 -2.50 -4.48 -7.26
C SER A 261 -2.00 -3.58 -6.14
N PHE A 262 -2.91 -2.94 -5.41
CA PHE A 262 -2.51 -2.19 -4.21
C PHE A 262 -2.18 -3.14 -3.05
N GLN A 263 -3.02 -4.15 -2.84
CA GLN A 263 -2.84 -5.09 -1.73
C GLN A 263 -1.45 -5.72 -1.73
N PHE A 264 -0.90 -6.01 -2.92
CA PHE A 264 0.39 -6.66 -3.03
C PHE A 264 1.47 -5.77 -3.62
N TYR A 265 1.26 -4.44 -3.62
CA TYR A 265 2.31 -3.53 -4.07
C TYR A 265 3.60 -3.84 -3.32
N SER A 266 4.71 -3.85 -4.06
CA SER A 266 6.04 -4.12 -3.54
C SER A 266 7.02 -2.97 -3.75
N LYS A 267 7.15 -2.50 -4.98
CA LYS A 267 8.10 -1.44 -5.29
C LYS A 267 7.80 -0.85 -6.65
N GLY A 268 8.45 0.27 -6.94
CA GLY A 268 8.17 1.01 -8.13
C GLY A 268 7.14 2.08 -7.84
N VAL A 269 6.64 2.70 -8.91
CA VAL A 269 5.67 3.77 -8.79
C VAL A 269 4.31 3.19 -9.15
N TYR A 270 3.38 3.26 -8.21
CA TYR A 270 2.10 2.60 -8.36
C TYR A 270 1.19 3.42 -9.27
N TYR A 271 0.63 2.81 -10.29
CA TYR A 271 -0.36 3.49 -11.13
C TYR A 271 -1.21 2.42 -11.77
N ASP A 272 -2.51 2.48 -11.49
CA ASP A 272 -3.45 1.48 -12.00
C ASP A 272 -4.71 2.23 -12.41
N GLU A 273 -5.00 2.19 -13.70
CA GLU A 273 -6.13 2.96 -14.24
C GLU A 273 -7.45 2.47 -13.71
N SER A 274 -7.48 1.32 -13.04
CA SER A 274 -8.74 0.92 -12.43
C SER A 274 -8.94 1.53 -11.05
N CYS A 275 -7.94 2.22 -10.51
CA CYS A 275 -8.10 2.91 -9.23
C CYS A 275 -9.07 4.06 -9.40
N ASN A 276 -10.02 4.17 -8.48
CA ASN A 276 -11.21 5.01 -8.69
C ASN A 276 -11.18 6.13 -7.67
N SER A 277 -10.95 7.35 -8.16
CA SER A 277 -10.79 8.52 -7.29
C SER A 277 -12.08 8.91 -6.62
N ASP A 278 -13.20 8.38 -7.10
CA ASP A 278 -14.49 8.53 -6.46
C ASP A 278 -14.84 7.36 -5.55
N ASN A 279 -13.86 6.52 -5.21
CA ASN A 279 -14.09 5.38 -4.32
C ASN A 279 -13.02 5.40 -3.25
N LEU A 280 -12.94 6.52 -2.53
CA LEU A 280 -11.96 6.65 -1.47
C LEU A 280 -12.36 5.78 -0.30
N ASN A 281 -11.45 5.04 0.22
CA ASN A 281 -11.81 4.15 1.29
C ASN A 281 -10.71 3.92 2.28
N HIS A 282 -9.55 4.54 2.11
CA HIS A 282 -8.44 4.25 3.01
C HIS A 282 -7.62 5.53 3.22
N ALA A 283 -7.16 5.74 4.45
CA ALA A 283 -6.42 6.95 4.78
C ALA A 283 -4.96 6.63 5.04
N VAL A 284 -4.08 7.43 4.45
CA VAL A 284 -2.66 7.24 4.53
C VAL A 284 -1.98 8.60 4.71
N LEU A 285 -0.67 8.68 4.50
CA LEU A 285 0.07 9.91 4.82
C LEU A 285 1.10 10.20 3.74
N ALA A 286 0.99 11.36 3.09
CA ALA A 286 2.01 11.85 2.17
C ALA A 286 3.16 12.47 2.95
N VAL A 287 4.31 11.79 2.94
CA VAL A 287 5.50 12.24 3.63
C VAL A 287 6.54 12.82 2.66
N GLY A 288 6.17 13.02 1.42
CA GLY A 288 7.12 13.50 0.43
C GLY A 288 6.64 13.28 -0.98
N TYR A 289 7.53 13.63 -1.91
CA TYR A 289 7.27 13.51 -3.33
C TYR A 289 8.61 13.55 -4.07
N GLY A 290 8.59 13.02 -5.27
CA GLY A 290 9.81 12.99 -6.04
C GLY A 290 9.61 12.35 -7.38
N ILE A 291 10.69 11.77 -7.88
CA ILE A 291 10.64 11.05 -9.13
C ILE A 291 11.63 9.91 -9.09
N GLN A 292 11.26 8.79 -9.68
CA GLN A 292 12.06 7.60 -9.61
C GLN A 292 12.04 7.02 -11.01
N LYS A 293 13.22 6.95 -11.64
CA LYS A 293 13.35 6.35 -12.96
C LYS A 293 12.40 7.02 -13.94
N GLY A 294 12.27 8.35 -13.81
CA GLY A 294 11.39 9.11 -14.69
C GLY A 294 9.90 9.05 -14.36
N ASN A 295 9.49 8.41 -13.27
CA ASN A 295 8.08 8.36 -12.88
C ASN A 295 7.83 9.22 -11.65
N LYS A 296 7.06 10.27 -11.81
CA LYS A 296 6.84 11.17 -10.69
C LYS A 296 5.91 10.52 -9.66
N HIS A 297 6.13 10.82 -8.38
CA HIS A 297 5.38 10.10 -7.36
C HIS A 297 5.14 10.95 -6.11
N TRP A 298 4.25 10.41 -5.29
CA TRP A 298 4.08 10.80 -3.88
C TRP A 298 4.65 9.67 -3.03
N ILE A 299 5.34 10.04 -1.95
CA ILE A 299 5.80 9.04 -0.96
C ILE A 299 4.72 8.88 0.10
N ILE A 300 4.13 7.69 0.17
CA ILE A 300 2.93 7.44 0.98
C ILE A 300 3.26 6.42 2.06
N LYS A 301 3.04 6.81 3.33
CA LYS A 301 3.18 5.92 4.49
C LYS A 301 1.86 5.21 4.73
N ASN A 302 1.86 3.89 4.70
CA ASN A 302 0.68 3.08 5.04
C ASN A 302 0.77 2.61 6.51
N SER A 303 -0.29 1.98 6.97
CA SER A 303 -0.35 1.44 8.34
C SER A 303 -0.74 -0.03 8.31
N TRP A 304 -0.16 -0.75 7.35
CA TRP A 304 -0.34 -2.19 7.26
C TRP A 304 0.92 -2.91 7.68
N GLY A 305 1.73 -2.26 8.50
CA GLY A 305 2.97 -2.84 8.98
C GLY A 305 4.06 -2.76 7.93
N GLU A 306 5.23 -3.19 8.33
CA GLU A 306 6.39 -3.04 7.44
C GLU A 306 6.49 -4.15 6.39
N ASN A 307 5.78 -5.24 6.58
CA ASN A 307 5.79 -6.34 5.62
C ASN A 307 4.98 -6.03 4.38
N TRP A 308 4.29 -4.91 4.34
CA TRP A 308 3.58 -4.50 3.14
C TRP A 308 4.37 -3.46 2.36
N GLY A 309 4.19 -3.48 1.04
CA GLY A 309 4.85 -2.48 0.21
C GLY A 309 6.35 -2.51 0.40
N ASN A 310 6.96 -1.33 0.35
CA ASN A 310 8.39 -1.20 0.52
C ASN A 310 8.64 -0.80 1.97
N LYS A 311 8.83 -1.79 2.82
CA LYS A 311 8.98 -1.54 4.26
C LYS A 311 7.89 -0.60 4.79
N GLY A 312 6.69 -0.74 4.25
CA GLY A 312 5.49 -0.08 4.77
C GLY A 312 5.02 1.06 3.91
N TYR A 313 5.80 1.41 2.88
CA TYR A 313 5.57 2.56 2.02
C TYR A 313 5.14 2.17 0.62
N ILE A 314 4.45 3.11 -0.02
CA ILE A 314 4.13 2.97 -1.43
C ILE A 314 4.44 4.29 -2.14
N LEU A 315 5.07 4.21 -3.30
CA LEU A 315 5.23 5.37 -4.16
C LEU A 315 4.01 5.39 -5.07
N MET A 316 3.24 6.47 -5.02
CA MET A 316 2.03 6.55 -5.81
C MET A 316 2.17 7.63 -6.88
N ALA A 317 1.68 7.34 -8.07
CA ALA A 317 1.87 8.24 -9.22
C ALA A 317 1.41 9.66 -8.92
N ARG A 318 2.23 10.64 -9.30
CA ARG A 318 1.98 12.06 -9.08
C ARG A 318 1.83 12.75 -10.44
N ASN A 319 0.86 13.64 -10.52
CA ASN A 319 0.59 14.39 -11.76
C ASN A 319 0.17 13.47 -12.89
N LYS A 320 -0.47 12.36 -12.54
CA LYS A 320 -1.17 11.54 -13.52
C LYS A 320 -2.67 11.66 -13.28
N ASN A 321 -3.17 12.90 -13.35
CA ASN A 321 -4.59 13.19 -13.25
C ASN A 321 -5.15 12.68 -11.91
N ASN A 322 -4.48 13.06 -10.83
CA ASN A 322 -4.99 12.77 -9.50
C ASN A 322 -5.26 11.26 -9.33
N ALA A 323 -4.29 10.44 -9.72
CA ALA A 323 -4.46 9.00 -9.67
C ALA A 323 -4.84 8.54 -8.24
N CYS A 324 -5.77 7.58 -8.16
CA CYS A 324 -6.35 7.02 -6.95
C CYS A 324 -7.06 8.07 -6.06
N GLY A 325 -7.35 9.27 -6.57
CA GLY A 325 -7.93 10.31 -5.75
C GLY A 325 -7.04 10.84 -4.65
N ILE A 326 -5.72 10.79 -4.85
CA ILE A 326 -4.78 11.09 -3.79
C ILE A 326 -4.88 12.52 -3.30
N ALA A 327 -5.41 13.43 -4.12
CA ALA A 327 -5.55 14.82 -3.69
C ALA A 327 -7.00 15.22 -3.41
N ASN A 328 -7.91 14.26 -3.31
CA ASN A 328 -9.32 14.59 -3.15
C ASN A 328 -9.70 14.87 -1.71
N LEU A 329 -8.98 14.29 -0.75
CA LEU A 329 -9.32 14.42 0.68
C LEU A 329 -8.06 14.62 1.51
N ALA A 330 -7.37 15.72 1.25
CA ALA A 330 -6.07 15.96 1.82
C ALA A 330 -6.16 17.08 2.84
N SER A 331 -5.55 16.89 4.02
CA SER A 331 -5.63 17.92 5.03
C SER A 331 -4.45 17.77 5.99
N PHE A 332 -4.26 18.81 6.81
CA PHE A 332 -3.22 18.74 7.83
C PHE A 332 -3.64 19.55 9.04
N PRO A 333 -3.11 19.22 10.22
CA PRO A 333 -3.46 19.93 11.44
C PRO A 333 -2.72 21.26 11.55
N LYS A 334 -3.39 22.22 12.16
CA LYS A 334 -2.89 23.59 12.29
C LYS A 334 -3.50 24.16 13.56
N MET A 335 -2.72 24.28 14.63
CA MET A 335 -3.29 24.71 15.90
C MET A 335 -2.25 25.19 16.88
N GLY B 18 2.92 -42.39 -22.20
CA GLY B 18 3.65 -41.98 -23.43
C GLY B 18 2.77 -41.25 -24.43
N SER B 19 2.53 -39.96 -24.20
CA SER B 19 1.71 -39.17 -25.11
C SER B 19 1.72 -37.68 -24.80
N HIS B 20 2.46 -37.24 -23.78
CA HIS B 20 2.40 -35.85 -23.36
C HIS B 20 3.38 -35.53 -22.24
N MET B 21 3.08 -34.49 -21.46
CA MET B 21 3.89 -34.06 -20.33
C MET B 21 3.22 -32.86 -19.66
N LEU B 22 3.54 -31.66 -20.14
CA LEU B 22 2.86 -30.44 -19.74
C LEU B 22 2.71 -29.55 -20.96
N TYR B 23 1.80 -28.59 -20.85
CA TYR B 23 1.18 -27.86 -21.94
C TYR B 23 1.23 -26.36 -21.72
N PRO B 24 1.24 -25.56 -22.78
CA PRO B 24 1.20 -24.10 -22.63
C PRO B 24 -0.11 -23.66 -22.01
N GLU B 25 -0.04 -22.68 -21.11
CA GLU B 25 -1.24 -22.19 -20.42
C GLU B 25 -1.90 -21.10 -21.24
N GLU B 26 -3.15 -21.36 -21.63
CA GLU B 26 -3.93 -20.43 -22.46
C GLU B 26 -3.89 -19.00 -21.92
N ILE B 27 -3.87 -18.84 -20.60
CA ILE B 27 -3.93 -17.50 -20.02
C ILE B 27 -2.71 -16.67 -20.37
N LEU B 28 -1.59 -17.29 -20.73
CA LEU B 28 -0.38 -16.54 -21.03
C LEU B 28 -0.20 -16.30 -22.52
N ASP B 29 -1.18 -16.69 -23.34
CA ASP B 29 -1.02 -16.57 -24.79
C ASP B 29 -0.65 -15.14 -25.19
N THR B 30 -1.37 -14.16 -24.65
CA THR B 30 -1.11 -12.76 -25.00
C THR B 30 0.26 -12.32 -24.49
N HIS B 31 0.59 -12.71 -23.27
CA HIS B 31 1.88 -12.38 -22.69
C HIS B 31 3.02 -12.97 -23.50
N TRP B 32 2.83 -14.19 -23.99
CA TRP B 32 3.82 -14.83 -24.86
C TRP B 32 3.99 -14.04 -26.14
N GLU B 33 2.88 -13.73 -26.81
CA GLU B 33 2.94 -12.92 -28.01
C GLU B 33 3.66 -11.61 -27.73
N LEU B 34 3.33 -10.97 -26.59
CA LEU B 34 3.96 -9.70 -26.26
C LEU B 34 5.43 -9.87 -25.93
N TRP B 35 5.79 -10.93 -25.19
CA TRP B 35 7.18 -11.17 -24.87
C TRP B 35 8.01 -11.38 -26.13
N LYS B 36 7.47 -12.10 -27.11
CA LYS B 36 8.19 -12.34 -28.35
C LYS B 36 8.48 -11.04 -29.06
N LYS B 37 7.48 -10.17 -29.16
CA LYS B 37 7.66 -8.89 -29.85
C LYS B 37 8.73 -8.05 -29.17
N THR B 38 8.66 -7.90 -27.84
CA THR B 38 9.58 -6.98 -27.17
C THR B 38 11.02 -7.43 -27.33
N HIS B 39 11.26 -8.74 -27.31
CA HIS B 39 12.61 -9.28 -27.37
C HIS B 39 13.00 -9.71 -28.77
N ARG B 40 12.15 -9.42 -29.76
CA ARG B 40 12.49 -9.64 -31.17
C ARG B 40 12.78 -11.11 -31.45
N LYS B 41 11.89 -11.97 -30.97
CA LYS B 41 12.10 -13.41 -31.04
C LYS B 41 11.42 -13.97 -32.30
N GLN B 42 12.15 -14.82 -33.00
CA GLN B 42 11.63 -15.57 -34.13
C GLN B 42 12.02 -17.03 -33.94
N TYR B 43 11.18 -17.92 -34.46
CA TYR B 43 11.38 -19.35 -34.27
C TYR B 43 11.27 -20.06 -35.61
N ASN B 44 12.12 -21.07 -35.79
CA ASN B 44 12.23 -21.77 -37.07
C ASN B 44 10.92 -22.41 -37.51
N ASN B 45 10.08 -22.82 -36.57
CA ASN B 45 8.88 -23.53 -36.93
C ASN B 45 8.05 -23.68 -35.67
N LYS B 46 6.84 -24.25 -35.83
CA LYS B 46 5.90 -24.42 -34.73
C LYS B 46 6.50 -25.28 -33.60
N VAL B 47 7.24 -26.33 -33.93
CA VAL B 47 7.79 -27.17 -32.87
C VAL B 47 8.78 -26.37 -32.03
N ASP B 48 9.66 -25.65 -32.70
CA ASP B 48 10.62 -24.80 -32.01
C ASP B 48 9.91 -23.83 -31.07
N GLU B 49 8.90 -23.13 -31.59
CA GLU B 49 8.22 -22.14 -30.79
C GLU B 49 7.55 -22.77 -29.58
N ILE B 50 6.85 -23.90 -29.78
CA ILE B 50 6.14 -24.54 -28.68
C ILE B 50 7.11 -24.97 -27.59
N SER B 51 8.25 -25.52 -28.00
CA SER B 51 9.28 -25.95 -27.06
C SER B 51 9.78 -24.77 -26.24
N ARG B 52 10.06 -23.66 -26.92
CA ARG B 52 10.57 -22.49 -26.23
C ARG B 52 9.50 -21.86 -25.33
N ARG B 53 8.24 -21.92 -25.74
CA ARG B 53 7.18 -21.44 -24.86
C ARG B 53 7.12 -22.24 -23.57
N LEU B 54 7.40 -23.55 -23.64
CA LEU B 54 7.30 -24.36 -22.44
C LEU B 54 8.46 -24.08 -21.49
N ILE B 55 9.67 -23.90 -22.03
CA ILE B 55 10.80 -23.43 -21.22
C ILE B 55 10.45 -22.09 -20.54
N TRP B 56 9.88 -21.17 -21.31
CA TRP B 56 9.52 -19.87 -20.79
C TRP B 56 8.51 -19.99 -19.65
N GLU B 57 7.53 -20.89 -19.79
CA GLU B 57 6.53 -21.06 -18.73
C GLU B 57 7.15 -21.70 -17.49
N LYS B 58 8.04 -22.67 -17.69
CA LYS B 58 8.75 -23.26 -16.57
C LYS B 58 9.60 -22.21 -15.86
N ASN B 59 10.25 -21.34 -16.64
CA ASN B 59 11.07 -20.29 -16.01
C ASN B 59 10.20 -19.32 -15.23
N LEU B 60 9.02 -18.97 -15.75
CA LEU B 60 8.11 -18.11 -14.99
C LEU B 60 7.78 -18.73 -13.65
N LYS B 61 7.51 -20.04 -13.65
CA LYS B 61 7.15 -20.72 -12.41
C LYS B 61 8.32 -20.66 -11.44
N TYR B 62 9.51 -20.90 -11.97
CA TYR B 62 10.72 -20.82 -11.16
C TYR B 62 10.83 -19.45 -10.50
N ILE B 63 10.61 -18.39 -11.29
CA ILE B 63 10.75 -17.02 -10.81
C ILE B 63 9.71 -16.73 -9.73
N SER B 64 8.48 -17.16 -9.98
CA SER B 64 7.41 -16.91 -9.01
C SER B 64 7.72 -17.55 -7.67
N ILE B 65 8.15 -18.80 -7.69
CA ILE B 65 8.42 -19.51 -6.45
C ILE B 65 9.65 -18.94 -5.77
N HIS B 66 10.68 -18.56 -6.55
CA HIS B 66 11.83 -17.90 -5.98
C HIS B 66 11.40 -16.63 -5.26
N ASN B 67 10.58 -15.80 -5.93
CA ASN B 67 10.14 -14.55 -5.33
C ASN B 67 9.23 -14.80 -4.13
N LEU B 68 8.40 -15.85 -4.16
CA LEU B 68 7.64 -16.21 -2.96
C LEU B 68 8.60 -16.46 -1.80
N GLU B 69 9.65 -17.23 -2.07
CA GLU B 69 10.67 -17.47 -1.06
C GLU B 69 11.28 -16.17 -0.59
N ALA B 70 11.56 -15.24 -1.51
CA ALA B 70 12.19 -14.00 -1.08
C ALA B 70 11.27 -13.24 -0.13
N SER B 71 9.96 -13.29 -0.37
CA SER B 71 9.02 -12.60 0.50
C SER B 71 8.98 -13.19 1.88
N LEU B 72 9.51 -14.40 2.03
CA LEU B 72 9.59 -15.08 3.30
C LEU B 72 10.97 -14.99 3.91
N GLY B 73 11.85 -14.17 3.36
CA GLY B 73 13.19 -13.97 3.91
C GLY B 73 14.19 -15.04 3.54
N VAL B 74 13.82 -15.97 2.65
CA VAL B 74 14.75 -17.01 2.24
C VAL B 74 15.87 -16.41 1.39
N HIS B 75 15.54 -15.45 0.50
CA HIS B 75 16.53 -14.78 -0.35
C HIS B 75 16.50 -13.28 -0.12
N THR B 76 17.62 -12.62 -0.39
CA THR B 76 17.72 -11.17 -0.30
C THR B 76 17.50 -10.47 -1.65
N TYR B 77 17.03 -11.17 -2.66
CA TYR B 77 16.93 -10.61 -4.00
C TYR B 77 15.80 -11.35 -4.72
N GLU B 78 15.12 -10.62 -5.61
CA GLU B 78 14.14 -11.24 -6.46
C GLU B 78 14.70 -11.49 -7.87
N LEU B 79 13.95 -12.27 -8.64
CA LEU B 79 14.26 -12.52 -10.05
C LEU B 79 13.14 -11.95 -10.90
N ALA B 80 13.41 -11.82 -12.20
CA ALA B 80 12.41 -11.30 -13.13
C ALA B 80 12.58 -11.95 -14.49
N MET B 81 11.46 -12.12 -15.17
CA MET B 81 11.49 -12.54 -16.57
C MET B 81 12.27 -11.50 -17.38
N ASN B 82 13.01 -11.96 -18.37
CA ASN B 82 13.86 -11.07 -19.15
C ASN B 82 13.93 -11.58 -20.58
N HIS B 83 14.86 -11.05 -21.36
CA HIS B 83 14.96 -11.43 -22.77
C HIS B 83 15.55 -12.83 -22.94
N LEU B 84 16.23 -13.37 -21.93
CA LEU B 84 16.69 -14.75 -21.94
C LEU B 84 15.61 -15.75 -21.47
N GLY B 85 14.36 -15.33 -21.41
CA GLY B 85 13.34 -16.10 -20.71
C GLY B 85 13.04 -17.45 -21.33
N ASP B 86 13.30 -17.63 -22.62
CA ASP B 86 12.95 -18.87 -23.28
C ASP B 86 14.12 -19.84 -23.37
N MET B 87 15.09 -19.72 -22.47
CA MET B 87 16.28 -20.56 -22.49
C MET B 87 16.44 -21.25 -21.15
N THR B 88 17.15 -22.37 -21.14
CA THR B 88 17.39 -23.10 -19.91
C THR B 88 18.58 -22.51 -19.16
N SER B 89 18.72 -22.94 -17.90
CA SER B 89 19.92 -22.60 -17.15
C SER B 89 21.17 -23.09 -17.87
N GLU B 90 21.17 -24.36 -18.27
CA GLU B 90 22.32 -24.93 -18.98
C GLU B 90 22.80 -24.04 -20.10
N GLU B 91 21.89 -23.32 -20.76
CA GLU B 91 22.27 -22.42 -21.85
C GLU B 91 22.72 -21.05 -21.36
N VAL B 92 23.55 -20.98 -20.31
CA VAL B 92 24.25 -19.73 -20.01
C VAL B 92 25.36 -19.52 -21.02
N VAL B 93 26.21 -20.53 -21.21
CA VAL B 93 27.14 -20.57 -22.33
C VAL B 93 27.15 -22.02 -22.81
N GLN B 94 26.07 -22.46 -23.44
CA GLN B 94 25.98 -23.82 -23.94
C GLN B 94 27.10 -24.09 -24.94
C1 GOL C . -7.07 -14.27 7.03
O1 GOL C . -6.10 -15.19 7.55
C2 GOL C . -7.90 -13.75 8.24
O2 GOL C . -7.10 -13.24 9.23
C3 GOL C . -8.82 -12.65 7.69
O3 GOL C . -9.50 -12.11 8.80
C1 GOL D . 11.10 6.70 8.46
O1 GOL D . 12.08 7.57 8.91
C2 GOL D . 11.02 5.58 9.47
O2 GOL D . 10.61 6.03 10.71
C3 GOL D . 10.05 4.57 8.84
O3 GOL D . 8.83 5.24 8.63
C1 GOL E . -2.84 7.90 32.57
O1 GOL E . -3.31 8.98 33.33
C2 GOL E . -3.17 8.23 31.16
O2 GOL E . -3.98 9.34 31.10
C3 GOL E . -1.78 8.47 30.44
O3 GOL E . -1.08 7.28 30.52
C1 GOL F . 7.00 -5.96 -0.85
O1 GOL F . 6.23 -6.49 0.15
C2 GOL F . 8.47 -5.83 -0.38
O2 GOL F . 9.07 -7.07 -0.18
C3 GOL F . 9.15 -4.99 -1.52
O3 GOL F . 9.92 -3.99 -0.97
C1 GOL G . -8.01 -13.45 -5.55
O1 GOL G . -9.05 -13.68 -4.65
C2 GOL G . -8.67 -12.87 -6.85
O2 GOL G . -9.65 -11.93 -6.53
C3 GOL G . -7.50 -12.28 -7.72
O3 GOL G . -8.10 -11.37 -8.59
C1 GOL H . 7.93 2.07 16.53
O1 GOL H . 8.29 2.60 17.76
C2 GOL H . 6.95 0.87 16.72
O2 GOL H . 5.66 1.28 17.07
C3 GOL H . 6.98 0.10 15.35
O3 GOL H . 5.94 -0.85 15.39
C1 GOL I . -19.53 20.89 8.40
O1 GOL I . -20.32 19.75 8.61
C2 GOL I . -18.79 21.22 9.72
O2 GOL I . -17.59 20.56 9.86
C3 GOL I . -18.53 22.71 9.66
O3 GOL I . -17.63 22.96 10.68
C1 EDO J . -3.15 -8.83 -15.06
O1 EDO J . -2.33 -9.51 -14.09
C2 EDO J . -3.88 -9.87 -15.88
O2 EDO J . -4.69 -10.65 -14.97
C1 EDO K . 2.59 15.78 23.23
O1 EDO K . 2.24 14.42 23.41
C2 EDO K . 1.52 16.48 22.39
O2 EDO K . 0.32 16.73 23.16
C1 EDO L . -13.97 0.91 5.63
O1 EDO L . -14.40 -0.28 4.98
C2 EDO L . -13.34 1.89 4.62
O2 EDO L . -14.33 2.53 3.81
C1 EDO M . 0.84 -0.05 16.85
O1 EDO M . 2.10 0.44 17.35
C2 EDO M . 1.04 -1.33 16.06
O2 EDO M . 2.04 -1.16 15.04
C1 EDO N . 2.64 -18.67 -13.51
O1 EDO N . 3.44 -19.45 -12.62
C2 EDO N . 1.31 -19.38 -13.74
O2 EDO N . 0.51 -18.58 -14.61
C1 EDO O . 12.70 -23.75 1.02
O1 EDO O . 13.53 -24.58 0.18
C2 EDO O . 11.39 -24.44 1.38
O2 EDO O . 10.59 -23.56 2.17
C1 EDO P . -2.98 0.89 -16.32
O1 EDO P . -3.21 0.23 -15.08
C2 EDO P . -1.49 0.98 -16.59
O2 EDO P . -0.83 -0.17 -16.04
C1 EDO Q . 14.82 15.54 1.55
O1 EDO Q . 13.68 16.35 1.88
C2 EDO Q . 15.76 15.39 2.75
O2 EDO Q . 16.03 16.65 3.38
C1 EDO R . -11.26 -19.00 9.84
O1 EDO R . -10.42 -20.12 10.19
C2 EDO R . -10.44 -17.84 9.33
O2 EDO R . -10.23 -17.97 7.92
C1 EDO S . -9.43 28.81 11.05
O1 EDO S . -9.00 30.14 11.34
C2 EDO S . -9.85 28.11 12.32
O2 EDO S . -11.29 28.17 12.39
C1 EDO T . 10.91 6.40 17.14
O1 EDO T . 10.64 5.37 18.08
C2 EDO T . 10.11 7.61 17.56
O2 EDO T . 10.18 7.62 19.00
C1 EDO U . 10.58 22.55 6.08
O1 EDO U . 9.89 23.69 5.54
C2 EDO U . 9.73 21.90 7.17
O2 EDO U . 8.33 21.94 6.80
C1 EDO V . -15.13 18.66 6.26
O1 EDO V . -16.23 18.91 7.14
C2 EDO V . -14.52 19.97 5.83
O2 EDO V . -14.93 21.04 6.71
S SO4 W . -6.24 -26.35 10.85
O1 SO4 W . -7.05 -26.34 12.07
O2 SO4 W . -5.25 -25.28 10.90
O3 SO4 W . -5.54 -27.63 10.73
O4 SO4 W . -7.10 -26.14 9.69
C1 PEG X . 12.67 9.20 -4.71
O1 PEG X . 12.22 9.24 -6.04
C2 PEG X . 12.60 7.77 -4.21
O2 PEG X . 12.60 7.75 -2.81
C3 PEG X . 13.70 8.38 -2.23
C4 PEG X . 13.29 9.78 -1.74
O4 PEG X . 14.20 10.22 -0.78
C1 PEG Y . 8.62 18.67 -9.90
O1 PEG Y . 8.62 17.96 -8.66
C2 PEG Y . 7.28 18.56 -10.66
O2 PEG Y . 6.32 19.44 -10.13
C3 PEG Y . 5.04 19.32 -10.69
C4 PEG Y . 3.98 20.01 -9.83
O4 PEG Y . 3.55 21.18 -10.45
C1 PEG Z . -4.28 -8.68 9.00
O1 PEG Z . -4.52 -9.94 9.59
C2 PEG Z . -3.71 -7.72 10.05
O2 PEG Z . -2.58 -8.25 10.70
C3 PEG Z . -1.40 -8.25 9.94
C4 PEG Z . -0.21 -8.78 10.75
O4 PEG Z . -0.69 -9.36 11.95
C1 PEG AA . -15.68 7.04 29.13
O1 PEG AA . -14.57 6.28 29.48
C2 PEG AA . -16.94 6.40 29.71
O2 PEG AA . -18.03 7.19 29.34
C3 PEG AA . -18.73 7.91 30.33
C4 PEG AA . -17.83 8.61 31.34
O4 PEG AA . -16.89 9.43 30.70
C1 PEG BA . -12.56 -29.63 8.44
O1 PEG BA . -13.49 -28.78 9.05
C2 PEG BA . -12.25 -30.83 9.33
O2 PEG BA . -12.04 -30.45 10.67
C3 PEG BA . -10.95 -29.60 10.78
C4 PEG BA . -10.48 -29.28 12.19
O4 PEG BA . -9.73 -30.34 12.70
C1 PEG CA . -16.41 -10.99 2.25
O1 PEG CA . -15.72 -9.79 2.02
C2 PEG CA . -16.35 -11.85 0.99
O2 PEG CA . -15.00 -12.18 0.73
C3 PEG CA . -14.70 -12.42 -0.61
C4 PEG CA . -14.50 -11.09 -1.33
O4 PEG CA . -13.77 -11.30 -2.50
CL CL DA . 13.60 13.05 18.29
NA NA EA . -8.16 1.80 24.78
C1 GOL FA . 18.17 -19.73 -28.09
O1 GOL FA . 19.49 -19.39 -28.31
C2 GOL FA . 17.32 -18.53 -28.56
O2 GOL FA . 17.07 -18.58 -29.93
C3 GOL FA . 16.03 -18.60 -27.76
O3 GOL FA . 15.21 -17.62 -28.28
C1 EDO GA . 6.12 -20.17 -37.08
O1 EDO GA . 4.88 -20.20 -37.81
C2 EDO GA . 5.84 -19.65 -35.68
O2 EDO GA . 7.07 -19.48 -34.97
C1 EDO HA . 2.63 -22.29 -16.40
O1 EDO HA . 1.78 -21.72 -17.40
C2 EDO HA . 3.62 -21.25 -15.89
O2 EDO HA . 3.46 -20.01 -16.58
C1 EDO IA . 15.33 -21.21 -31.55
O1 EDO IA . 15.69 -21.18 -32.93
C2 EDO IA . 15.89 -22.46 -30.88
O2 EDO IA . 17.15 -22.81 -31.45
S SO4 JA . 20.54 -17.77 -2.25
O1 SO4 JA . 21.69 -18.03 -1.39
O2 SO4 JA . 19.60 -16.87 -1.56
O3 SO4 JA . 20.95 -17.21 -3.54
O4 SO4 JA . 19.89 -19.05 -2.54
S SO4 KA . 16.15 -7.48 -20.23
O1 SO4 KA . 16.52 -6.93 -18.92
O2 SO4 KA . 16.35 -6.46 -21.26
O3 SO4 KA . 16.97 -8.65 -20.51
O4 SO4 KA . 14.74 -7.85 -20.23
S SO4 LA . -1.71 -8.33 -22.19
O1 SO4 LA . -0.38 -8.88 -22.01
O2 SO4 LA . -2.02 -7.37 -21.14
O3 SO4 LA . -2.71 -9.40 -22.17
O4 SO4 LA . -1.75 -7.65 -23.49
S SO4 MA . 1.87 -20.89 -29.85
O1 SO4 MA . 2.91 -21.13 -28.85
O2 SO4 MA . 1.59 -19.46 -29.90
O3 SO4 MA . 2.32 -21.33 -31.17
O4 SO4 MA . 0.68 -21.64 -29.47
C1 PEG NA . 17.46 -8.77 -10.33
O1 PEG NA . 16.36 -9.59 -10.61
C2 PEG NA . 17.04 -7.34 -10.02
O2 PEG NA . 16.20 -7.36 -8.90
C3 PEG NA . 14.86 -6.99 -9.09
C4 PEG NA . 14.10 -8.05 -9.89
O4 PEG NA . 12.72 -7.85 -9.78
C1 MPD OA . 22.81 -7.63 -2.97
C2 MPD OA . 21.98 -8.71 -2.28
O2 MPD OA . 22.43 -8.93 -0.92
CM MPD OA . 20.53 -8.30 -2.20
C3 MPD OA . 22.12 -10.03 -3.03
C4 MPD OA . 23.56 -10.53 -3.12
O4 MPD OA . 24.11 -10.82 -1.85
C5 MPD OA . 23.55 -11.79 -3.95
C1 MPD PA . 1.48 -29.75 -34.60
C2 MPD PA . 2.71 -29.31 -35.36
O2 MPD PA . 2.30 -29.02 -36.72
CM MPD PA . 3.28 -28.02 -34.78
C3 MPD PA . 3.81 -30.36 -35.35
C4 MPD PA . 3.44 -31.69 -36.01
O4 MPD PA . 3.37 -31.55 -37.41
C5 MPD PA . 4.51 -32.69 -35.65
C1 MPD QA . 19.66 -23.19 -1.08
C2 MPD QA . 18.45 -22.25 -1.10
O2 MPD QA . 18.72 -21.18 -2.03
CM MPD QA . 17.19 -22.96 -1.60
C3 MPD QA . 18.18 -21.66 0.28
C4 MPD QA . 19.30 -20.78 0.83
O4 MPD QA . 19.55 -19.70 -0.03
C5 MPD QA . 18.95 -20.21 2.21
#